data_1OBZ
#
_entry.id   1OBZ
#
_cell.length_a   101.485
_cell.length_b   48.172
_cell.length_c   74.996
_cell.angle_alpha   90.00
_cell.angle_beta   120.24
_cell.angle_gamma   90.00
#
_symmetry.space_group_name_H-M   'C 1 2 1'
#
loop_
_entity.id
_entity.type
_entity.pdbx_description
1 polymer 'SYNTENIN 1'
2 polymer 'INTERLEUKIN 5 RECEPTOR ALPHA'
3 non-polymer 'ACETATE ION'
4 water water
#
loop_
_entity_poly.entity_id
_entity_poly.type
_entity_poly.pdbx_seq_one_letter_code
_entity_poly.pdbx_strand_id
1 'polypeptide(L)'
;GAMDPREVILCKDQDGKIGLRLKSIDNGIFVQLVQANSPASLVGLRFGDQVLQINGENCAGWSSDKAHKVLKQAFGEKIT
MTIRDRPFERTITMHKDSTGHVGFIFKNGKITSIVKDSSAARNGLLTEHNICEINGQNVIGLKDSQIADILSTSGTVVTI
TIMPAF
;
A,B
2 'polypeptide(L)' ETLEDSVF P
#
loop_
_chem_comp.id
_chem_comp.type
_chem_comp.name
_chem_comp.formula
ACT non-polymer 'ACETATE ION' 'C2 H3 O2 -1'
#
# COMPACT_ATOMS: atom_id res chain seq x y z
N ASP A 4 10.97 -7.52 -8.23
CA ASP A 4 11.57 -7.43 -9.58
C ASP A 4 10.46 -7.26 -10.56
N PRO A 5 10.59 -6.34 -11.51
CA PRO A 5 9.53 -6.20 -12.51
C PRO A 5 9.58 -7.32 -13.52
N ARG A 6 8.51 -7.42 -14.29
CA ARG A 6 8.41 -8.44 -15.32
C ARG A 6 8.09 -7.77 -16.64
N GLU A 7 8.49 -8.42 -17.73
CA GLU A 7 8.20 -7.95 -19.07
C GLU A 7 6.95 -8.66 -19.65
N VAL A 8 6.08 -7.87 -20.23
CA VAL A 8 4.98 -8.42 -21.02
C VAL A 8 4.97 -7.83 -22.41
N ILE A 9 4.53 -8.63 -23.37
CA ILE A 9 4.37 -8.17 -24.74
C ILE A 9 2.94 -8.37 -25.15
N LEU A 10 2.25 -7.27 -25.42
CA LEU A 10 0.84 -7.29 -25.80
C LEU A 10 0.69 -7.18 -27.29
N CYS A 11 -0.29 -7.88 -27.83
CA CYS A 11 -0.60 -7.81 -29.25
C CYS A 11 -1.92 -7.09 -29.42
N LYS A 12 -1.88 -5.95 -30.09
CA LYS A 12 -3.10 -5.18 -30.36
C LYS A 12 -4.15 -6.05 -31.04
N ASP A 13 -5.42 -5.77 -30.77
CA ASP A 13 -6.50 -6.43 -31.51
C ASP A 13 -6.68 -5.81 -32.90
N GLN A 14 -7.69 -6.31 -33.61
CA GLN A 14 -8.15 -5.81 -34.91
C GLN A 14 -8.32 -4.30 -34.93
N ASP A 15 -8.97 -3.78 -33.88
CA ASP A 15 -9.29 -2.36 -33.80
C ASP A 15 -8.11 -1.51 -33.35
N GLY A 16 -6.94 -2.11 -33.16
CA GLY A 16 -5.74 -1.39 -32.71
C GLY A 16 -5.66 -1.18 -31.20
N LYS A 17 -6.49 -1.91 -30.45
CA LYS A 17 -6.67 -1.67 -29.02
C LYS A 17 -6.11 -2.81 -28.20
N ILE A 18 -5.83 -2.53 -26.93
CA ILE A 18 -5.34 -3.57 -26.01
C ILE A 18 -6.22 -3.84 -24.79
N GLY A 19 -7.27 -3.05 -24.62
CA GLY A 19 -8.27 -3.29 -23.59
C GLY A 19 -7.82 -2.81 -22.22
N LEU A 20 -7.11 -1.69 -22.20
CA LEU A 20 -6.46 -1.19 -21.02
C LEU A 20 -6.74 0.29 -20.85
N ARG A 21 -7.03 0.73 -19.63
CA ARG A 21 -6.96 2.15 -19.28
C ARG A 21 -5.89 2.32 -18.21
N LEU A 22 -5.06 3.33 -18.40
CA LEU A 22 -3.99 3.70 -17.48
C LEU A 22 -4.30 5.00 -16.73
N LYS A 23 -3.70 5.16 -15.55
CA LYS A 23 -3.93 6.33 -14.72
C LYS A 23 -2.62 6.81 -14.06
N SER A 24 -2.40 8.12 -14.08
CA SER A 24 -1.28 8.72 -13.34
C SER A 24 -1.61 8.79 -11.84
N ILE A 25 -0.76 8.18 -11.02
CA ILE A 25 -0.87 8.23 -9.57
C ILE A 25 0.56 8.39 -9.03
N ASP A 26 0.76 9.42 -8.21
CA ASP A 26 2.04 9.62 -7.53
C ASP A 26 3.22 9.60 -8.51
N ASN A 27 3.04 10.23 -9.67
CA ASN A 27 4.06 10.31 -10.70
C ASN A 27 4.53 8.95 -11.26
N GLY A 28 3.70 7.94 -11.10
CA GLY A 28 3.86 6.70 -11.85
C GLY A 28 2.61 6.49 -12.68
N ILE A 29 2.57 5.36 -13.37
CA ILE A 29 1.43 4.95 -14.21
C ILE A 29 0.98 3.59 -13.72
N PHE A 30 -0.34 3.48 -13.55
CA PHE A 30 -1.00 2.31 -13.04
C PHE A 30 -2.13 1.85 -13.96
N VAL A 31 -2.32 0.54 -13.98
CA VAL A 31 -3.41 -0.08 -14.69
C VAL A 31 -4.67 0.24 -13.88
N GLN A 32 -5.66 0.79 -14.56
CA GLN A 32 -6.91 1.28 -13.94
C GLN A 32 -8.18 0.49 -14.37
N LEU A 33 -8.15 -0.11 -15.55
CA LEU A 33 -9.26 -0.98 -15.99
C LEU A 33 -8.75 -1.91 -17.05
N VAL A 34 -8.97 -3.20 -16.85
CA VAL A 34 -8.55 -4.21 -17.82
C VAL A 34 -9.81 -4.89 -18.38
N GLN A 35 -10.06 -4.73 -19.67
CA GLN A 35 -11.20 -5.33 -20.32
C GLN A 35 -11.13 -6.87 -20.30
N ALA A 36 -12.30 -7.51 -20.20
CA ALA A 36 -12.36 -8.96 -20.26
C ALA A 36 -11.89 -9.46 -21.60
N ASN A 37 -11.17 -10.59 -21.59
CA ASN A 37 -10.78 -11.31 -22.79
C ASN A 37 -10.09 -10.43 -23.82
N SER A 38 -9.16 -9.64 -23.28
CA SER A 38 -8.47 -8.59 -24.01
C SER A 38 -6.99 -8.89 -24.17
N PRO A 39 -6.29 -8.18 -25.05
CA PRO A 39 -4.83 -8.32 -25.09
C PRO A 39 -4.17 -8.09 -23.73
N ALA A 40 -4.68 -7.16 -22.96
CA ALA A 40 -4.17 -6.87 -21.61
C ALA A 40 -4.47 -7.99 -20.62
N SER A 41 -5.68 -8.53 -20.62
CA SER A 41 -5.98 -9.63 -19.71
C SER A 41 -5.18 -10.91 -20.10
N LEU A 42 -4.90 -11.08 -21.40
CA LEU A 42 -4.18 -12.27 -21.86
C LEU A 42 -2.80 -12.37 -21.17
N VAL A 43 -2.12 -11.22 -21.04
CA VAL A 43 -0.80 -11.19 -20.40
C VAL A 43 -0.84 -11.01 -18.88
N GLY A 44 -2.04 -10.98 -18.29
CA GLY A 44 -2.24 -11.07 -16.86
C GLY A 44 -2.23 -9.73 -16.14
N LEU A 45 -2.36 -8.65 -16.88
CA LEU A 45 -2.49 -7.32 -16.28
C LEU A 45 -3.73 -7.24 -15.42
N ARG A 46 -3.57 -6.56 -14.26
CA ARG A 46 -4.65 -6.35 -13.31
C ARG A 46 -4.66 -4.92 -12.80
N PHE A 47 -5.85 -4.49 -12.38
CA PHE A 47 -6.03 -3.25 -11.67
C PHE A 47 -4.98 -3.12 -10.56
N GLY A 48 -4.29 -1.99 -10.57
CA GLY A 48 -3.26 -1.68 -9.62
C GLY A 48 -1.83 -2.04 -9.96
N ASP A 49 -1.60 -2.77 -11.05
CA ASP A 49 -0.27 -3.01 -11.56
C ASP A 49 0.38 -1.69 -11.92
N GLN A 50 1.66 -1.57 -11.62
CA GLN A 50 2.40 -0.36 -11.98
C GLN A 50 3.19 -0.59 -13.26
N VAL A 51 3.10 0.35 -14.20
CA VAL A 51 3.80 0.23 -15.48
C VAL A 51 5.06 1.11 -15.41
N LEU A 52 6.23 0.49 -15.36
CA LEU A 52 7.47 1.23 -15.20
C LEU A 52 7.96 1.78 -16.52
N GLN A 53 7.80 0.98 -17.58
CA GLN A 53 8.21 1.37 -18.94
C GLN A 53 7.18 0.87 -19.96
N ILE A 54 7.01 1.65 -21.02
CA ILE A 54 6.30 1.22 -22.22
C ILE A 54 7.26 1.33 -23.39
N ASN A 55 7.48 0.21 -24.08
CA ASN A 55 8.49 0.11 -25.16
C ASN A 55 9.84 0.70 -24.73
N GLY A 56 10.26 0.35 -23.52
CA GLY A 56 11.53 0.82 -22.96
C GLY A 56 11.61 2.25 -22.49
N GLU A 57 10.55 3.02 -22.65
CA GLU A 57 10.49 4.43 -22.24
C GLU A 57 9.97 4.51 -20.81
N ASN A 58 10.64 5.26 -19.95
CA ASN A 58 10.16 5.45 -18.58
C ASN A 58 8.81 6.14 -18.53
N CYS A 59 7.89 5.60 -17.73
CA CYS A 59 6.58 6.21 -17.53
C CYS A 59 6.58 7.29 -16.45
N ALA A 60 7.70 7.43 -15.72
CA ALA A 60 7.73 8.36 -14.60
C ALA A 60 7.25 9.75 -15.03
N GLY A 61 6.29 10.27 -14.29
CA GLY A 61 5.79 11.63 -14.50
C GLY A 61 4.80 11.82 -15.62
N TRP A 62 4.51 10.75 -16.37
CA TRP A 62 3.56 10.84 -17.47
C TRP A 62 2.14 11.08 -16.97
N SER A 63 1.42 11.96 -17.65
CA SER A 63 0.00 12.11 -17.42
C SER A 63 -0.73 10.92 -17.98
N SER A 64 -1.98 10.73 -17.52
CA SER A 64 -2.85 9.67 -18.05
C SER A 64 -3.04 9.88 -19.56
N ASP A 65 -3.19 11.13 -19.98
CA ASP A 65 -3.33 11.46 -21.39
C ASP A 65 -2.12 11.05 -22.22
N LYS A 66 -0.92 11.37 -21.73
CA LYS A 66 0.29 11.03 -22.44
C LYS A 66 0.37 9.52 -22.58
N ALA A 67 0.07 8.80 -21.50
CA ALA A 67 0.19 7.35 -21.53
C ALA A 67 -0.75 6.78 -22.60
N HIS A 68 -1.98 7.28 -22.64
CA HIS A 68 -3.03 6.84 -23.61
C HIS A 68 -2.53 7.08 -25.04
N LYS A 69 -1.94 8.25 -25.26
CA LYS A 69 -1.42 8.63 -26.57
C LYS A 69 -0.26 7.73 -26.98
N VAL A 70 0.63 7.41 -26.03
CA VAL A 70 1.74 6.53 -26.33
C VAL A 70 1.24 5.15 -26.80
N LEU A 71 0.21 4.65 -26.17
CA LEU A 71 -0.33 3.34 -26.56
C LEU A 71 -0.92 3.40 -27.96
N LYS A 72 -1.60 4.50 -28.25
CA LYS A 72 -2.22 4.74 -29.55
C LYS A 72 -1.18 4.91 -30.66
N GLN A 73 -0.03 5.49 -30.33
CA GLN A 73 1.03 5.83 -31.28
C GLN A 73 2.06 4.72 -31.47
N ALA A 74 2.01 3.67 -30.65
CA ALA A 74 3.05 2.65 -30.66
C ALA A 74 3.14 2.00 -32.06
N PHE A 75 4.35 1.94 -32.57
CA PHE A 75 4.60 1.39 -33.90
C PHE A 75 4.33 -0.10 -33.88
N GLY A 76 3.62 -0.56 -34.89
CA GLY A 76 3.46 -1.98 -35.08
C GLY A 76 2.29 -2.52 -34.28
N GLU A 77 2.31 -3.84 -34.08
CA GLU A 77 1.17 -4.54 -33.51
C GLU A 77 1.47 -5.01 -32.09
N LYS A 78 2.72 -4.97 -31.67
CA LYS A 78 3.06 -5.44 -30.33
C LYS A 78 3.55 -4.25 -29.50
N ILE A 79 3.22 -4.31 -28.20
CA ILE A 79 3.65 -3.30 -27.25
C ILE A 79 4.27 -4.01 -26.09
N THR A 80 5.46 -3.56 -25.70
CA THR A 80 6.16 -4.14 -24.58
C THR A 80 5.92 -3.20 -23.41
N MET A 81 5.72 -3.79 -22.26
CA MET A 81 5.59 -3.06 -21.00
C MET A 81 6.41 -3.78 -19.94
N THR A 82 6.99 -2.99 -19.03
CA THR A 82 7.67 -3.49 -17.87
C THR A 82 6.78 -3.17 -16.70
N ILE A 83 6.40 -4.21 -15.94
CA ILE A 83 5.35 -4.20 -14.95
C ILE A 83 5.85 -4.60 -13.58
N ARG A 84 5.46 -3.83 -12.60
CA ARG A 84 5.60 -4.16 -11.18
C ARG A 84 4.21 -4.59 -10.74
N ASP A 85 4.08 -5.88 -10.45
CA ASP A 85 2.78 -6.41 -10.06
C ASP A 85 2.21 -5.73 -8.78
N ARG A 86 0.96 -5.32 -8.86
CA ARG A 86 0.16 -4.72 -7.78
C ARG A 86 0.92 -4.35 -6.52
N PRO A 87 1.70 -3.28 -6.57
CA PRO A 87 2.54 -2.94 -5.40
C PRO A 87 1.78 -2.57 -4.11
N PHE A 88 0.49 -2.24 -4.20
CA PHE A 88 -0.33 -1.78 -3.05
C PHE A 88 -1.44 -2.76 -2.61
N GLU A 89 -1.32 -4.01 -3.00
CA GLU A 89 -2.30 -5.08 -2.68
C GLU A 89 -2.29 -5.47 -1.17
N ARG A 90 -3.44 -5.56 -0.53
CA ARG A 90 -3.53 -6.22 0.77
C ARG A 90 -4.72 -7.17 0.71
N THR A 91 -4.50 -8.45 0.98
CA THR A 91 -5.58 -9.43 0.95
C THR A 91 -5.86 -9.88 2.37
N ILE A 92 -7.14 -9.85 2.74
CA ILE A 92 -7.59 -10.09 4.08
C ILE A 92 -8.73 -11.07 4.07
N THR A 93 -8.60 -12.09 4.89
CA THR A 93 -9.63 -13.11 5.02
C THR A 93 -10.44 -12.85 6.27
N MET A 94 -11.74 -12.68 6.07
CA MET A 94 -12.72 -12.51 7.11
C MET A 94 -13.67 -13.71 7.12
N HIS A 95 -14.49 -13.78 8.14
CA HIS A 95 -15.47 -14.87 8.27
C HIS A 95 -16.79 -14.28 8.76
N LYS A 96 -17.86 -14.57 8.03
CA LYS A 96 -19.18 -14.11 8.45
C LYS A 96 -19.54 -14.63 9.83
N ASP A 97 -20.23 -13.82 10.60
CA ASP A 97 -20.62 -14.23 11.93
C ASP A 97 -21.89 -15.10 11.80
N SER A 98 -22.39 -15.57 12.94
CA SER A 98 -23.39 -16.65 12.95
C SER A 98 -24.67 -16.21 12.26
N THR A 99 -24.84 -14.89 12.16
CA THR A 99 -25.97 -14.27 11.49
C THR A 99 -25.61 -13.53 10.16
N GLY A 100 -24.48 -13.84 9.54
CA GLY A 100 -24.27 -13.47 8.14
C GLY A 100 -23.45 -12.27 7.67
N HIS A 101 -22.91 -11.41 8.53
CA HIS A 101 -22.15 -10.27 7.99
C HIS A 101 -20.69 -10.37 8.34
N VAL A 102 -19.85 -9.77 7.51
CA VAL A 102 -18.42 -9.68 7.79
C VAL A 102 -18.08 -8.39 8.45
N GLY A 103 -18.90 -7.35 8.26
CA GLY A 103 -18.83 -6.14 9.05
C GLY A 103 -18.30 -4.87 8.40
N PHE A 104 -18.68 -4.61 7.14
CA PHE A 104 -18.38 -3.30 6.56
C PHE A 104 -19.49 -2.78 5.66
N ILE A 105 -19.40 -1.47 5.41
CA ILE A 105 -20.24 -0.80 4.44
C ILE A 105 -19.34 -0.27 3.37
N PHE A 106 -19.83 -0.25 2.13
CA PHE A 106 -19.06 0.31 1.02
C PHE A 106 -19.95 1.12 0.11
N LYS A 107 -19.31 1.97 -0.70
CA LYS A 107 -20.04 2.68 -1.75
C LYS A 107 -19.10 3.04 -2.88
N ASN A 108 -19.61 2.95 -4.10
CA ASN A 108 -18.78 3.13 -5.27
C ASN A 108 -17.51 2.29 -5.23
N GLY A 109 -17.68 1.05 -4.78
CA GLY A 109 -16.62 0.07 -4.81
C GLY A 109 -15.55 0.33 -3.77
N LYS A 110 -15.83 1.26 -2.85
CA LYS A 110 -14.88 1.70 -1.82
C LYS A 110 -15.42 1.47 -0.41
N ILE A 111 -14.65 0.86 0.46
CA ILE A 111 -15.06 0.66 1.86
C ILE A 111 -15.16 2.01 2.58
N THR A 112 -16.28 2.25 3.23
CA THR A 112 -16.53 3.54 3.92
C THR A 112 -16.72 3.42 5.43
N SER A 113 -17.08 2.25 5.96
CA SER A 113 -17.09 2.10 7.41
C SER A 113 -16.93 0.64 7.85
N ILE A 114 -16.46 0.48 9.07
CA ILE A 114 -16.20 -0.82 9.67
C ILE A 114 -17.05 -0.93 10.93
N VAL A 115 -17.78 -2.05 11.02
CA VAL A 115 -18.68 -2.29 12.14
C VAL A 115 -17.91 -2.81 13.36
N LYS A 116 -18.17 -2.22 14.52
CA LYS A 116 -17.60 -2.69 15.79
C LYS A 116 -17.84 -4.16 16.05
N ASP A 117 -16.82 -4.85 16.58
CA ASP A 117 -16.94 -6.23 17.04
C ASP A 117 -17.24 -7.20 15.89
N SER A 118 -16.81 -6.83 14.70
CA SER A 118 -17.08 -7.63 13.51
C SER A 118 -15.80 -8.30 13.04
N SER A 119 -15.93 -9.20 12.06
CA SER A 119 -14.74 -9.86 11.52
C SER A 119 -13.89 -8.88 10.73
N ALA A 120 -14.52 -7.90 10.08
CA ALA A 120 -13.77 -6.84 9.39
C ALA A 120 -12.94 -6.08 10.42
N ALA A 121 -13.53 -5.83 11.58
CA ALA A 121 -12.81 -5.12 12.66
C ALA A 121 -11.66 -5.98 13.17
N ARG A 122 -11.94 -7.25 13.46
CA ARG A 122 -10.91 -8.17 13.96
C ARG A 122 -9.71 -8.29 13.02
N ASN A 123 -9.99 -8.21 11.72
CA ASN A 123 -8.98 -8.48 10.70
C ASN A 123 -8.50 -7.20 10.03
N GLY A 124 -8.73 -6.04 10.66
CA GLY A 124 -8.02 -4.83 10.25
C GLY A 124 -8.36 -4.29 8.89
N LEU A 125 -9.61 -4.48 8.46
CA LEU A 125 -10.05 -3.93 7.19
C LEU A 125 -9.99 -2.42 7.30
N LEU A 126 -9.65 -1.76 6.20
CA LEU A 126 -9.46 -0.31 6.19
C LEU A 126 -10.47 0.37 5.29
N THR A 127 -10.88 1.55 5.70
CA THR A 127 -11.74 2.42 4.88
C THR A 127 -10.95 3.22 3.86
N GLU A 128 -11.65 3.88 2.94
CA GLU A 128 -11.01 4.58 1.85
C GLU A 128 -10.02 3.67 1.09
N HIS A 129 -10.45 2.42 0.95
CA HIS A 129 -9.79 1.42 0.14
C HIS A 129 -10.75 0.85 -0.86
N ASN A 130 -10.28 0.69 -2.08
CA ASN A 130 -11.02 0.03 -3.13
C ASN A 130 -11.04 -1.47 -2.98
N ILE A 131 -12.20 -2.04 -3.25
CA ILE A 131 -12.43 -3.49 -3.29
C ILE A 131 -12.08 -4.00 -4.69
N CYS A 132 -11.06 -4.84 -4.77
CA CYS A 132 -10.51 -5.24 -6.06
C CYS A 132 -10.95 -6.65 -6.41
N GLU A 133 -10.82 -7.58 -5.45
CA GLU A 133 -11.24 -8.94 -5.66
C GLU A 133 -11.95 -9.47 -4.45
N ILE A 134 -12.91 -10.35 -4.65
CA ILE A 134 -13.56 -11.06 -3.55
C ILE A 134 -13.59 -12.55 -3.91
N ASN A 135 -13.00 -13.37 -3.07
CA ASN A 135 -12.96 -14.82 -3.26
C ASN A 135 -12.57 -15.23 -4.68
N GLY A 136 -11.56 -14.55 -5.20
CA GLY A 136 -10.98 -14.85 -6.51
C GLY A 136 -11.68 -14.19 -7.69
N GLN A 137 -12.74 -13.43 -7.43
CA GLN A 137 -13.53 -12.80 -8.46
C GLN A 137 -13.13 -11.32 -8.53
N ASN A 138 -12.70 -10.90 -9.72
CA ASN A 138 -12.48 -9.48 -10.01
C ASN A 138 -13.81 -8.73 -9.93
N VAL A 139 -13.84 -7.69 -9.10
CA VAL A 139 -15.01 -6.82 -8.98
C VAL A 139 -14.79 -5.38 -9.45
N ILE A 140 -13.60 -5.08 -9.98
CA ILE A 140 -13.37 -3.75 -10.53
C ILE A 140 -14.32 -3.54 -11.72
N GLY A 141 -15.04 -2.43 -11.69
CA GLY A 141 -15.91 -2.09 -12.79
C GLY A 141 -17.33 -2.57 -12.55
N LEU A 142 -17.54 -3.35 -11.51
CA LEU A 142 -18.90 -3.82 -11.19
C LEU A 142 -19.71 -2.74 -10.50
N LYS A 143 -21.03 -2.84 -10.67
CA LYS A 143 -21.96 -1.98 -9.94
C LYS A 143 -21.96 -2.37 -8.45
N ASP A 144 -22.19 -1.42 -7.56
CA ASP A 144 -22.30 -1.75 -6.13
C ASP A 144 -23.28 -2.89 -5.89
N SER A 145 -24.41 -2.90 -6.60
CA SER A 145 -25.40 -3.92 -6.34
C SER A 145 -24.85 -5.31 -6.68
N GLN A 146 -24.00 -5.40 -7.72
CA GLN A 146 -23.32 -6.66 -8.06
C GLN A 146 -22.30 -7.09 -7.03
N ILE A 147 -21.57 -6.13 -6.50
CA ILE A 147 -20.62 -6.40 -5.40
C ILE A 147 -21.37 -6.87 -4.17
N ALA A 148 -22.47 -6.20 -3.84
CA ALA A 148 -23.32 -6.54 -2.72
C ALA A 148 -23.82 -7.96 -2.81
N ASP A 149 -24.23 -8.34 -4.02
CA ASP A 149 -24.75 -9.66 -4.25
C ASP A 149 -23.69 -10.73 -4.07
N ILE A 150 -22.46 -10.46 -4.51
CA ILE A 150 -21.35 -11.39 -4.33
C ILE A 150 -21.10 -11.56 -2.83
N LEU A 151 -21.09 -10.47 -2.08
CA LEU A 151 -20.83 -10.53 -0.63
C LEU A 151 -21.92 -11.29 0.10
N SER A 152 -23.17 -11.02 -0.28
CA SER A 152 -24.32 -11.62 0.39
C SER A 152 -24.36 -13.14 0.13
N THR A 153 -24.15 -13.55 -1.12
CA THR A 153 -24.19 -14.98 -1.47
C THR A 153 -22.93 -15.78 -1.08
N SER A 154 -21.84 -15.08 -0.73
CA SER A 154 -20.62 -15.77 -0.33
C SER A 154 -20.84 -16.75 0.82
N GLY A 155 -20.07 -17.82 0.78
CA GLY A 155 -19.83 -18.65 1.93
C GLY A 155 -19.25 -17.85 3.07
N THR A 156 -19.17 -18.48 4.22
CA THR A 156 -18.71 -17.87 5.45
C THR A 156 -17.38 -17.14 5.24
N VAL A 157 -16.45 -17.79 4.55
CA VAL A 157 -15.15 -17.18 4.31
C VAL A 157 -15.23 -16.17 3.19
N VAL A 158 -14.85 -14.93 3.52
CA VAL A 158 -14.83 -13.81 2.59
C VAL A 158 -13.42 -13.22 2.56
N THR A 159 -12.72 -13.54 1.51
CA THR A 159 -11.36 -13.03 1.31
C THR A 159 -11.40 -11.87 0.29
N ILE A 160 -10.97 -10.69 0.72
CA ILE A 160 -11.01 -9.50 -0.10
C ILE A 160 -9.61 -8.92 -0.28
N THR A 161 -9.32 -8.53 -1.52
CA THR A 161 -8.13 -7.77 -1.84
C THR A 161 -8.52 -6.31 -1.98
N ILE A 162 -7.84 -5.47 -1.22
CA ILE A 162 -8.07 -4.03 -1.19
C ILE A 162 -6.79 -3.25 -1.59
N MET A 163 -6.97 -2.02 -2.02
CA MET A 163 -5.87 -1.13 -2.32
C MET A 163 -6.30 0.25 -1.90
N PRO A 164 -5.36 1.08 -1.47
CA PRO A 164 -5.74 2.46 -1.14
C PRO A 164 -6.40 3.15 -2.33
N ALA A 165 -7.42 3.97 -2.05
CA ALA A 165 -8.14 4.74 -3.05
C ALA A 165 -7.38 6.07 -3.19
N PHE A 166 -6.58 6.14 -4.23
CA PHE A 166 -5.75 7.30 -4.52
C PHE A 166 -6.59 8.30 -5.28
N GLY B 1 1.54 -16.97 7.79
CA GLY B 1 2.53 -16.61 6.75
C GLY B 1 2.94 -15.15 6.79
N ALA B 2 3.68 -14.72 5.79
CA ALA B 2 4.23 -13.37 5.75
C ALA B 2 3.21 -12.25 5.94
N MET B 3 2.04 -12.40 5.34
CA MET B 3 1.01 -11.35 5.42
C MET B 3 0.24 -11.37 6.71
N ASP B 4 0.30 -12.49 7.44
CA ASP B 4 -0.45 -12.64 8.68
C ASP B 4 0.19 -11.88 9.84
N PRO B 5 -0.58 -11.59 10.89
CA PRO B 5 -0.06 -10.83 12.01
C PRO B 5 0.89 -11.66 12.85
N ARG B 6 1.66 -10.90 13.63
CA ARG B 6 2.56 -11.43 14.64
C ARG B 6 2.17 -10.87 16.01
N GLU B 7 2.46 -11.63 17.06
CA GLU B 7 2.13 -11.25 18.42
C GLU B 7 3.34 -10.78 19.18
N VAL B 8 3.21 -9.67 19.88
CA VAL B 8 4.26 -9.17 20.73
C VAL B 8 3.71 -9.04 22.16
N ILE B 9 4.60 -9.20 23.12
CA ILE B 9 4.26 -8.92 24.51
C ILE B 9 5.29 -7.93 24.99
N LEU B 10 4.81 -6.78 25.41
CA LEU B 10 5.65 -5.69 25.89
C LEU B 10 5.45 -5.46 27.34
N CYS B 11 6.46 -4.86 27.95
CA CYS B 11 6.46 -4.42 29.33
C CYS B 11 6.91 -2.97 29.36
N LYS B 12 6.16 -2.12 30.05
CA LYS B 12 6.54 -0.74 30.28
C LYS B 12 7.87 -0.68 31.01
N ASP B 13 8.72 0.27 30.62
CA ASP B 13 10.04 0.42 31.22
C ASP B 13 9.95 1.13 32.57
N GLN B 14 11.10 1.47 33.16
CA GLN B 14 11.09 2.07 34.49
C GLN B 14 10.40 3.44 34.55
N ASP B 15 10.25 4.09 33.40
CA ASP B 15 9.53 5.35 33.26
C ASP B 15 8.05 5.20 32.91
N GLY B 16 7.55 3.96 32.88
CA GLY B 16 6.17 3.69 32.58
C GLY B 16 5.86 3.80 31.09
N LYS B 17 6.88 3.68 30.25
CA LYS B 17 6.72 3.87 28.79
C LYS B 17 7.01 2.63 28.01
N ILE B 18 6.38 2.46 26.84
CA ILE B 18 6.83 1.47 25.85
C ILE B 18 7.54 2.10 24.64
N GLY B 19 7.47 3.43 24.51
CA GLY B 19 8.18 4.11 23.45
C GLY B 19 7.43 4.10 22.14
N LEU B 20 6.11 4.23 22.21
CA LEU B 20 5.24 4.07 21.07
C LEU B 20 4.20 5.19 20.97
N ARG B 21 4.05 5.73 19.76
CA ARG B 21 3.01 6.67 19.38
C ARG B 21 2.20 6.06 18.24
N LEU B 22 0.87 6.06 18.40
CA LEU B 22 -0.04 5.51 17.40
C LEU B 22 -0.96 6.60 16.81
N LYS B 23 -1.50 6.35 15.62
CA LYS B 23 -2.41 7.29 14.94
C LYS B 23 -3.51 6.52 14.21
N SER B 24 -4.72 7.07 14.24
CA SER B 24 -5.84 6.53 13.45
C SER B 24 -5.71 6.96 12.01
N ILE B 25 -5.74 5.98 11.10
CA ILE B 25 -5.74 6.23 9.65
C ILE B 25 -6.70 5.22 9.06
N ASP B 26 -7.67 5.71 8.31
CA ASP B 26 -8.59 4.83 7.55
C ASP B 26 -9.23 3.76 8.44
N ASN B 27 -9.61 4.18 9.65
CA ASN B 27 -10.26 3.34 10.63
C ASN B 27 -9.45 2.15 11.15
N GLY B 28 -8.14 2.24 10.97
CA GLY B 28 -7.19 1.37 11.62
C GLY B 28 -6.27 2.21 12.51
N ILE B 29 -5.33 1.54 13.17
CA ILE B 29 -4.35 2.21 14.05
C ILE B 29 -2.96 1.79 13.56
N PHE B 30 -2.10 2.80 13.33
CA PHE B 30 -0.78 2.62 12.75
C PHE B 30 0.28 3.25 13.63
N VAL B 31 1.43 2.60 13.66
CA VAL B 31 2.60 3.10 14.38
C VAL B 31 3.11 4.38 13.70
N GLN B 32 3.23 5.45 14.47
CA GLN B 32 3.71 6.74 13.98
C GLN B 32 5.12 7.11 14.42
N LEU B 33 5.52 6.60 15.57
CA LEU B 33 6.85 6.88 16.10
C LEU B 33 7.25 5.83 17.09
N VAL B 34 8.47 5.29 16.92
CA VAL B 34 9.01 4.32 17.85
C VAL B 34 10.29 4.91 18.42
N GLN B 35 10.34 5.03 19.72
CA GLN B 35 11.52 5.52 20.42
C GLN B 35 12.67 4.53 20.29
N ALA B 36 13.87 5.05 20.07
CA ALA B 36 15.07 4.22 20.10
C ALA B 36 15.22 3.54 21.47
N ASN B 37 15.63 2.28 21.41
CA ASN B 37 16.01 1.50 22.59
C ASN B 37 14.86 1.40 23.60
N SER B 38 13.67 1.22 23.07
CA SER B 38 12.46 1.14 23.87
C SER B 38 11.88 -0.27 23.80
N PRO B 39 10.97 -0.60 24.71
CA PRO B 39 10.24 -1.88 24.63
C PRO B 39 9.64 -2.12 23.27
N ALA B 40 9.10 -1.06 22.65
CA ALA B 40 8.51 -1.16 21.32
C ALA B 40 9.58 -1.43 20.26
N SER B 41 10.70 -0.73 20.29
CA SER B 41 11.75 -0.99 19.29
C SER B 41 12.29 -2.42 19.44
N LEU B 42 12.30 -2.93 20.66
CA LEU B 42 12.90 -4.22 20.95
C LEU B 42 12.01 -5.42 20.55
N VAL B 43 10.78 -5.16 20.09
CA VAL B 43 10.01 -6.23 19.44
C VAL B 43 9.88 -5.95 17.94
N GLY B 44 10.69 -5.03 17.42
CA GLY B 44 10.76 -4.78 15.99
C GLY B 44 9.71 -3.86 15.38
N LEU B 45 8.95 -3.15 16.23
CA LEU B 45 7.96 -2.22 15.73
C LEU B 45 8.61 -1.07 15.01
N ARG B 46 7.91 -0.64 13.97
CA ARG B 46 8.33 0.52 13.19
C ARG B 46 7.18 1.29 12.59
N PHE B 47 7.50 2.52 12.20
CA PHE B 47 6.57 3.39 11.50
C PHE B 47 5.85 2.65 10.40
N GLY B 48 4.53 2.80 10.39
CA GLY B 48 3.68 2.20 9.39
C GLY B 48 3.14 0.80 9.66
N ASP B 49 3.68 0.13 10.67
CA ASP B 49 3.11 -1.14 11.14
C ASP B 49 1.67 -0.87 11.60
N GLN B 50 0.80 -1.84 11.37
CA GLN B 50 -0.62 -1.71 11.73
C GLN B 50 -0.96 -2.50 12.97
N VAL B 51 -1.62 -1.86 13.93
CA VAL B 51 -1.91 -2.52 15.19
C VAL B 51 -3.36 -2.99 15.15
N LEU B 52 -3.56 -4.29 15.10
CA LEU B 52 -4.90 -4.89 15.01
C LEU B 52 -5.61 -5.03 16.34
N GLN B 53 -4.85 -5.42 17.35
CA GLN B 53 -5.37 -5.60 18.71
C GLN B 53 -4.34 -5.14 19.73
N ILE B 54 -4.85 -4.62 20.85
CA ILE B 54 -4.07 -4.41 22.04
C ILE B 54 -4.80 -5.10 23.18
N ASN B 55 -4.11 -5.96 23.90
CA ASN B 55 -4.71 -6.72 24.99
C ASN B 55 -6.02 -7.41 24.58
N GLY B 56 -6.05 -7.90 23.35
CA GLY B 56 -7.15 -8.70 22.86
C GLY B 56 -8.31 -7.90 22.28
N GLU B 57 -8.25 -6.58 22.42
CA GLU B 57 -9.33 -5.70 22.00
C GLU B 57 -9.02 -5.11 20.64
N ASN B 58 -10.00 -5.10 19.74
CA ASN B 58 -9.81 -4.57 18.40
C ASN B 58 -9.54 -3.06 18.42
N CYS B 59 -8.52 -2.63 17.67
CA CYS B 59 -8.20 -1.21 17.54
C CYS B 59 -9.05 -0.51 16.51
N ALA B 60 -9.75 -1.25 15.68
CA ALA B 60 -10.55 -0.67 14.58
C ALA B 60 -11.44 0.47 15.07
N GLY B 61 -11.31 1.60 14.39
CA GLY B 61 -12.12 2.78 14.64
C GLY B 61 -11.71 3.63 15.84
N TRP B 62 -10.69 3.21 16.58
CA TRP B 62 -10.23 4.02 17.73
C TRP B 62 -9.65 5.33 17.18
N SER B 63 -9.88 6.44 17.89
CA SER B 63 -9.26 7.70 17.54
C SER B 63 -7.82 7.65 17.98
N SER B 64 -7.01 8.61 17.53
CA SER B 64 -5.63 8.70 18.00
C SER B 64 -5.59 8.96 19.51
N ASP B 65 -6.49 9.78 20.04
CA ASP B 65 -6.48 10.08 21.48
C ASP B 65 -6.87 8.84 22.28
N LYS B 66 -7.82 8.07 21.76
CA LYS B 66 -8.20 6.82 22.44
C LYS B 66 -7.02 5.85 22.52
N ALA B 67 -6.29 5.69 21.43
CA ALA B 67 -5.13 4.80 21.44
C ALA B 67 -4.08 5.25 22.45
N HIS B 68 -3.85 6.56 22.53
CA HIS B 68 -2.92 7.13 23.51
C HIS B 68 -3.36 6.78 24.93
N LYS B 69 -4.65 6.93 25.19
CA LYS B 69 -5.21 6.66 26.50
C LYS B 69 -5.06 5.18 26.88
N VAL B 70 -5.33 4.30 25.92
CA VAL B 70 -5.27 2.87 26.17
C VAL B 70 -3.85 2.52 26.55
N LEU B 71 -2.83 3.05 25.85
CA LEU B 71 -1.41 2.74 26.15
C LEU B 71 -1.00 3.34 27.49
N LYS B 72 -1.34 4.60 27.71
CA LYS B 72 -1.03 5.22 29.01
C LYS B 72 -1.58 4.45 30.20
N GLN B 73 -2.79 3.94 30.07
CA GLN B 73 -3.51 3.28 31.14
C GLN B 73 -3.25 1.78 31.28
N ALA B 74 -2.63 1.21 30.28
CA ALA B 74 -2.48 -0.24 30.22
C ALA B 74 -1.57 -0.72 31.35
N PHE B 75 -1.99 -1.78 32.03
CA PHE B 75 -1.16 -2.54 33.00
C PHE B 75 0.22 -2.80 32.41
N GLY B 76 1.26 -2.40 33.11
CA GLY B 76 2.58 -2.32 32.52
C GLY B 76 3.31 -3.62 32.27
N GLU B 77 3.04 -4.64 33.09
CA GLU B 77 3.88 -5.84 33.07
C GLU B 77 3.58 -6.75 31.90
N LYS B 78 2.43 -6.61 31.27
CA LYS B 78 2.10 -7.50 30.14
C LYS B 78 1.13 -6.77 29.26
N ILE B 79 1.61 -6.25 28.14
CA ILE B 79 0.75 -5.64 27.13
C ILE B 79 0.93 -6.47 25.88
N THR B 80 -0.12 -7.13 25.45
CA THR B 80 -0.08 -7.87 24.21
C THR B 80 -0.58 -7.03 23.05
N MET B 81 0.06 -7.22 21.90
CA MET B 81 -0.38 -6.55 20.69
C MET B 81 -0.30 -7.50 19.54
N THR B 82 -1.24 -7.36 18.61
CA THR B 82 -1.27 -8.16 17.40
C THR B 82 -0.93 -7.20 16.31
N ILE B 83 0.15 -7.47 15.57
CA ILE B 83 0.77 -6.52 14.64
C ILE B 83 0.75 -7.06 13.21
N ARG B 84 0.27 -6.26 12.29
CA ARG B 84 0.45 -6.48 10.87
C ARG B 84 1.59 -5.63 10.38
N ASP B 85 2.64 -6.29 9.90
CA ASP B 85 3.85 -5.59 9.48
C ASP B 85 3.48 -4.67 8.32
N ARG B 86 4.04 -3.47 8.37
CA ARG B 86 3.82 -2.37 7.46
C ARG B 86 3.15 -2.79 6.12
N PRO B 87 1.84 -2.60 6.01
CA PRO B 87 1.18 -2.91 4.73
C PRO B 87 1.59 -1.88 3.66
N PHE B 88 1.68 -2.26 2.39
CA PHE B 88 1.97 -1.25 1.34
C PHE B 88 3.42 -0.76 1.24
N GLU B 89 4.33 -1.44 1.92
CA GLU B 89 5.74 -1.11 1.85
C GLU B 89 6.28 -1.45 0.48
N ARG B 90 7.20 -0.62 -0.02
CA ARG B 90 7.96 -0.92 -1.22
C ARG B 90 9.43 -0.59 -0.98
N THR B 91 10.33 -1.48 -1.36
CA THR B 91 11.78 -1.21 -1.29
C THR B 91 12.31 -1.06 -2.68
N ILE B 92 12.98 0.06 -2.95
CA ILE B 92 13.51 0.36 -4.28
C ILE B 92 15.01 0.57 -4.18
N THR B 93 15.74 -0.16 -5.02
CA THR B 93 17.19 -0.03 -5.11
C THR B 93 17.57 0.82 -6.34
N MET B 94 18.32 1.88 -6.08
CA MET B 94 18.78 2.80 -7.12
C MET B 94 20.30 2.87 -7.08
N HIS B 95 20.86 3.54 -8.09
CA HIS B 95 22.31 3.66 -8.26
C HIS B 95 22.69 5.09 -8.59
N LYS B 96 23.61 5.67 -7.83
CA LYS B 96 24.11 7.02 -8.07
C LYS B 96 24.83 7.12 -9.41
N ASP B 97 24.64 8.25 -10.06
CA ASP B 97 25.32 8.51 -11.35
C ASP B 97 26.63 9.25 -11.11
N SER B 98 27.21 9.71 -12.21
CA SER B 98 28.53 10.36 -12.25
C SER B 98 28.60 11.59 -11.39
N THR B 99 27.40 12.15 -11.07
CA THR B 99 27.15 13.32 -10.19
C THR B 99 26.80 13.03 -8.77
N GLY B 100 26.65 11.76 -8.39
CA GLY B 100 26.23 11.42 -7.05
C GLY B 100 24.72 11.44 -6.81
N HIS B 101 23.91 11.52 -7.85
CA HIS B 101 22.47 11.63 -7.64
C HIS B 101 21.74 10.38 -8.07
N VAL B 102 20.69 9.99 -7.35
CA VAL B 102 19.79 8.92 -7.84
C VAL B 102 18.55 9.43 -8.58
N GLY B 103 18.08 10.63 -8.27
CA GLY B 103 17.13 11.36 -9.10
C GLY B 103 15.77 11.69 -8.50
N PHE B 104 15.75 12.21 -7.27
CA PHE B 104 14.49 12.70 -6.73
C PHE B 104 14.67 13.86 -5.81
N ILE B 105 13.56 14.58 -5.63
CA ILE B 105 13.40 15.67 -4.70
C ILE B 105 12.42 15.21 -3.63
N PHE B 106 12.61 15.71 -2.42
CA PHE B 106 11.70 15.42 -1.30
C PHE B 106 11.57 16.64 -0.39
N LYS B 107 10.47 16.66 0.35
CA LYS B 107 10.18 17.75 1.29
C LYS B 107 9.34 17.16 2.42
N ASN B 108 9.67 17.58 3.64
CA ASN B 108 9.19 16.99 4.89
C ASN B 108 9.10 15.47 4.86
N GLY B 109 10.20 14.87 4.44
CA GLY B 109 10.40 13.44 4.51
C GLY B 109 9.55 12.66 3.51
N LYS B 110 8.95 13.36 2.54
CA LYS B 110 8.07 12.74 1.54
C LYS B 110 8.56 13.08 0.13
N ILE B 111 8.66 12.08 -0.74
CA ILE B 111 9.14 12.27 -2.09
C ILE B 111 8.15 13.16 -2.84
N THR B 112 8.66 14.17 -3.55
CA THR B 112 7.81 15.13 -4.26
C THR B 112 8.01 15.20 -5.77
N SER B 113 9.18 14.83 -6.28
CA SER B 113 9.35 14.76 -7.73
C SER B 113 10.46 13.81 -8.11
N ILE B 114 10.36 13.31 -9.33
CA ILE B 114 11.27 12.30 -9.86
C ILE B 114 11.95 12.93 -11.07
N VAL B 115 13.26 12.88 -11.09
CA VAL B 115 14.05 13.46 -12.19
C VAL B 115 14.03 12.58 -13.44
N LYS B 116 13.76 13.19 -14.58
CA LYS B 116 13.76 12.48 -15.85
C LYS B 116 15.07 11.77 -16.13
N ASP B 117 14.97 10.54 -16.63
CA ASP B 117 16.10 9.72 -17.10
C ASP B 117 17.08 9.36 -15.97
N SER B 118 16.58 9.37 -14.72
CA SER B 118 17.40 9.03 -13.59
C SER B 118 17.18 7.59 -13.14
N SER B 119 18.00 7.12 -12.21
CA SER B 119 17.78 5.82 -11.60
C SER B 119 16.41 5.74 -10.92
N ALA B 120 15.97 6.81 -10.28
CA ALA B 120 14.67 6.82 -9.59
C ALA B 120 13.55 6.61 -10.62
N ALA B 121 13.71 7.28 -11.76
CA ALA B 121 12.73 7.13 -12.86
C ALA B 121 12.71 5.69 -13.40
N ARG B 122 13.89 5.13 -13.63
CA ARG B 122 14.00 3.78 -14.18
C ARG B 122 13.36 2.77 -13.24
N ASN B 123 13.52 2.99 -11.93
CA ASN B 123 13.09 2.06 -10.90
C ASN B 123 11.70 2.43 -10.32
N GLY B 124 10.97 3.33 -10.99
CA GLY B 124 9.58 3.62 -10.64
C GLY B 124 9.34 4.18 -9.26
N LEU B 125 10.25 5.03 -8.79
CA LEU B 125 10.08 5.69 -7.50
C LEU B 125 8.83 6.57 -7.59
N LEU B 126 8.03 6.55 -6.53
CA LEU B 126 6.78 7.28 -6.48
C LEU B 126 6.78 8.46 -5.52
N THR B 127 5.99 9.49 -5.85
CA THR B 127 5.85 10.69 -5.01
C THR B 127 4.72 10.52 -4.02
N GLU B 128 4.54 11.52 -3.13
CA GLU B 128 3.54 11.43 -2.06
C GLU B 128 3.72 10.11 -1.27
N HIS B 129 5.00 9.73 -1.12
CA HIS B 129 5.40 8.56 -0.39
C HIS B 129 6.37 8.98 0.71
N ASN B 130 6.14 8.49 1.91
CA ASN B 130 7.08 8.72 3.03
C ASN B 130 8.31 7.86 2.88
N ILE B 131 9.48 8.47 3.07
CA ILE B 131 10.73 7.77 3.15
C ILE B 131 10.85 7.19 4.55
N CYS B 132 10.91 5.86 4.64
CA CYS B 132 10.96 5.18 5.93
C CYS B 132 12.39 4.86 6.37
N GLU B 133 13.12 4.16 5.49
CA GLU B 133 14.50 3.75 5.74
C GLU B 133 15.31 4.02 4.50
N ILE B 134 16.56 4.44 4.69
CA ILE B 134 17.55 4.51 3.61
C ILE B 134 18.73 3.63 4.02
N ASN B 135 19.06 2.67 3.17
CA ASN B 135 20.10 1.70 3.44
C ASN B 135 19.94 1.07 4.79
N GLY B 136 18.69 0.76 5.15
CA GLY B 136 18.40 0.10 6.42
C GLY B 136 18.20 1.02 7.62
N GLN B 137 18.53 2.29 7.48
CA GLN B 137 18.47 3.23 8.59
C GLN B 137 17.14 3.96 8.62
N ASN B 138 16.49 3.93 9.79
CA ASN B 138 15.25 4.64 10.01
C ASN B 138 15.50 6.13 9.90
N VAL B 139 14.75 6.79 9.03
CA VAL B 139 14.78 8.24 8.89
C VAL B 139 13.51 8.96 9.32
N ILE B 140 12.53 8.19 9.83
CA ILE B 140 11.35 8.83 10.39
C ILE B 140 11.73 9.77 11.56
N GLY B 141 11.25 10.99 11.53
CA GLY B 141 11.56 11.99 12.53
C GLY B 141 12.81 12.85 12.28
N LEU B 142 13.54 12.55 11.21
CA LEU B 142 14.74 13.32 10.86
C LEU B 142 14.34 14.52 10.02
N LYS B 143 15.12 15.59 10.13
CA LYS B 143 14.93 16.75 9.30
C LYS B 143 15.33 16.46 7.85
N ASP B 144 14.76 17.21 6.91
CA ASP B 144 15.12 17.01 5.51
C ASP B 144 16.63 17.11 5.31
N SER B 145 17.27 18.05 5.98
CA SER B 145 18.73 18.21 5.75
C SER B 145 19.49 16.97 6.27
N GLN B 146 18.95 16.32 7.30
CA GLN B 146 19.53 15.08 7.79
C GLN B 146 19.35 13.94 6.78
N ILE B 147 18.14 13.82 6.23
CA ILE B 147 17.88 12.86 5.18
C ILE B 147 18.83 13.09 3.96
N ALA B 148 18.99 14.35 3.58
CA ALA B 148 19.89 14.72 2.51
C ALA B 148 21.32 14.29 2.75
N ASP B 149 21.81 14.45 3.99
CA ASP B 149 23.17 14.01 4.40
C ASP B 149 23.32 12.47 4.26
N ILE B 150 22.28 11.72 4.62
CA ILE B 150 22.32 10.24 4.47
C ILE B 150 22.40 9.88 3.00
N LEU B 151 21.60 10.55 2.17
CA LEU B 151 21.67 10.30 0.73
C LEU B 151 23.02 10.70 0.11
N SER B 152 23.53 11.86 0.52
CA SER B 152 24.73 12.43 -0.09
C SER B 152 25.93 11.59 0.27
N THR B 153 25.99 11.11 1.51
CA THR B 153 27.12 10.28 1.97
C THR B 153 27.02 8.80 1.63
N SER B 154 25.88 8.38 1.08
CA SER B 154 25.69 6.98 0.76
C SER B 154 26.69 6.53 -0.27
N GLY B 155 27.03 5.24 -0.21
CA GLY B 155 27.68 4.61 -1.33
C GLY B 155 26.79 4.61 -2.53
N THR B 156 27.31 4.07 -3.64
CA THR B 156 26.65 4.07 -4.95
C THR B 156 25.25 3.46 -4.93
N VAL B 157 25.07 2.40 -4.17
CA VAL B 157 23.78 1.73 -4.11
C VAL B 157 22.95 2.36 -2.99
N VAL B 158 21.82 2.94 -3.38
CA VAL B 158 20.88 3.56 -2.46
C VAL B 158 19.60 2.77 -2.39
N THR B 159 19.34 2.15 -1.24
CA THR B 159 18.14 1.37 -1.06
C THR B 159 17.16 2.12 -0.21
N ILE B 160 15.97 2.38 -0.73
CA ILE B 160 14.98 3.17 0.02
C ILE B 160 13.69 2.36 0.23
N THR B 161 13.22 2.36 1.45
CA THR B 161 11.92 1.75 1.79
C THR B 161 10.92 2.87 1.97
N ILE B 162 9.82 2.79 1.23
CA ILE B 162 8.80 3.84 1.16
C ILE B 162 7.42 3.26 1.41
N MET B 163 6.51 4.16 1.74
CA MET B 163 5.13 3.83 1.98
C MET B 163 4.26 5.00 1.55
N PRO B 164 3.14 4.75 0.88
CA PRO B 164 2.26 5.84 0.49
C PRO B 164 1.82 6.66 1.71
N ALA B 165 1.77 7.98 1.58
CA ALA B 165 1.52 8.85 2.72
C ALA B 165 0.03 9.02 2.92
N ASP C 5 -23.89 1.29 0.98
CA ASP C 5 -25.06 0.35 0.94
C ASP C 5 -25.54 0.14 2.38
N SER C 6 -26.15 -1.01 2.64
CA SER C 6 -26.32 -1.52 4.01
C SER C 6 -24.99 -2.18 4.43
N VAL C 7 -24.99 -2.83 5.60
CA VAL C 7 -23.84 -3.63 6.07
C VAL C 7 -23.78 -4.97 5.38
N PHE C 8 -22.55 -5.36 4.99
CA PHE C 8 -22.20 -6.64 4.40
C PHE C 8 -21.15 -7.35 5.24
C ACT D . -4.52 2.00 -8.08
O ACT D . -4.26 1.85 -9.32
OXT ACT D . -5.56 2.66 -7.82
CH3 ACT D . -3.65 1.42 -7.02
C ACT E . -7.47 0.41 -25.41
O ACT E . -8.35 -0.47 -25.08
OXT ACT E . -6.45 0.07 -26.07
CH3 ACT E . -7.65 1.87 -25.09
C ACT F . 19.24 12.46 -5.22
O ACT F . 20.24 11.71 -5.08
OXT ACT F . 18.69 12.61 -6.37
CH3 ACT F . 18.73 13.15 -3.99
C ACT G . 4.25 5.01 25.84
O ACT G . 5.29 5.15 25.16
OXT ACT G . 4.16 4.02 26.62
CH3 ACT G . 3.13 6.01 25.73
#